data_6YXS
#
_entry.id   6YXS
#
_cell.length_a   66.410
_cell.length_b   68.820
_cell.length_c   104.800
_cell.angle_alpha   90.000
_cell.angle_beta   90.000
_cell.angle_gamma   90.000
#
_symmetry.space_group_name_H-M   'P 21 21 21'
#
loop_
_entity.id
_entity.type
_entity.pdbx_description
1 polymer 'Choline kinase'
2 non-polymer 'MAGNESIUM ION'
3 non-polymer GLYCEROL
4 non-polymer 'PENTAETHYLENE GLYCOL'
5 water water
#
_entity_poly.entity_id   1
_entity_poly.type   'polypeptide(L)'
_entity_poly.pdbx_seq_one_letter_code
;MGSSHHHHHHSSGENLYFQGSKLTDPLYIKKICLEKVHDWSRCNEDDVCVNQILSGLTNQLFEVSIKEDTAIEYRITRRH
VLFRIYGKDVDALYNPLSEFEVYKTMSKYRIAPLLLNTFDGGRIEEWLYGDPLSIDDLKNKSILVGIANVLGKFHTLSRK
RHLPEHWDKTPCVFKMMDRWRLAVSNYKNLDKVTLDINKYIQESHKFLKFIKIYTQIENIANDIVFCHNDLQENNIMNTN
KCLRLIDFEYSGYNFLSADIANFFIETTIDYSYNAYPFFIINKKNYISYESRILFVTTYLSKYLDDSTAASDQDIIDQFL
EAIEVQALGLHLIWAFWSIIRGYQTKSYNEFDFFLYAKERLKMYDEQKQYLMSKNIIKDYDD
;
_entity_poly.pdbx_strand_id   A
#
# COMPACT_ATOMS: atom_id res chain seq x y z
N THR A 24 7.83 -23.10 -11.40
CA THR A 24 8.58 -21.90 -11.74
C THR A 24 9.48 -22.13 -12.95
N ASP A 25 9.46 -23.36 -13.47
CA ASP A 25 10.13 -23.64 -14.74
C ASP A 25 9.36 -22.95 -15.86
N PRO A 26 10.03 -22.17 -16.72
CA PRO A 26 9.28 -21.36 -17.70
C PRO A 26 8.34 -22.13 -18.58
N LEU A 27 8.70 -23.35 -19.01
CA LEU A 27 7.83 -24.10 -19.89
C LEU A 27 6.56 -24.56 -19.16
N TYR A 28 6.69 -24.92 -17.88
CA TYR A 28 5.51 -25.23 -17.09
C TYR A 28 4.59 -24.01 -16.96
N ILE A 29 5.18 -22.82 -16.81
CA ILE A 29 4.38 -21.59 -16.79
C ILE A 29 3.65 -21.41 -18.10
N LYS A 30 4.33 -21.66 -19.22
CA LYS A 30 3.68 -21.56 -20.53
C LYS A 30 2.55 -22.57 -20.66
N LYS A 31 2.77 -23.81 -20.19
CA LYS A 31 1.75 -24.84 -20.29
C LYS A 31 0.50 -24.46 -19.51
N ILE A 32 0.68 -23.93 -18.30
CA ILE A 32 -0.47 -23.56 -17.47
C ILE A 32 -1.25 -22.43 -18.12
N CYS A 33 -0.54 -21.42 -18.64
CA CYS A 33 -1.20 -20.25 -19.21
C CYS A 33 -1.98 -20.62 -20.46
N LEU A 34 -1.43 -21.52 -21.27
CA LEU A 34 -2.08 -21.92 -22.51
C LEU A 34 -3.41 -22.62 -22.25
N GLU A 35 -3.56 -23.25 -21.09
CA GLU A 35 -4.80 -23.95 -20.78
C GLU A 35 -5.69 -23.20 -19.80
N LYS A 36 -5.23 -22.10 -19.21
CA LYS A 36 -6.01 -21.34 -18.25
C LYS A 36 -6.44 -19.96 -18.74
N VAL A 37 -5.93 -19.51 -19.88
CA VAL A 37 -6.33 -18.23 -20.47
C VAL A 37 -7.10 -18.51 -21.75
N HIS A 38 -8.31 -17.93 -21.84
CA HIS A 38 -9.21 -18.25 -22.93
C HIS A 38 -8.59 -17.94 -24.29
N ASP A 39 -8.73 -18.89 -25.21
CA ASP A 39 -8.27 -18.84 -26.60
C ASP A 39 -6.76 -18.91 -26.75
N TRP A 40 -6.00 -18.89 -25.65
CA TRP A 40 -4.56 -19.05 -25.77
C TRP A 40 -4.17 -20.45 -26.21
N SER A 41 -5.04 -21.46 -25.99
CA SER A 41 -4.75 -22.82 -26.43
C SER A 41 -4.62 -22.92 -27.94
N ARG A 42 -5.06 -21.91 -28.69
CA ARG A 42 -4.77 -21.84 -30.11
C ARG A 42 -3.29 -21.63 -30.40
N CYS A 43 -2.50 -21.29 -29.39
CA CYS A 43 -1.07 -21.14 -29.52
C CYS A 43 -0.38 -22.41 -29.03
N ASN A 44 0.93 -22.42 -29.18
CA ASN A 44 1.78 -23.44 -28.57
C ASN A 44 2.85 -22.76 -27.72
N GLU A 45 3.70 -23.57 -27.09
CA GLU A 45 4.65 -23.04 -26.12
C GLU A 45 5.65 -22.08 -26.77
N ASP A 46 5.91 -22.24 -28.06
CA ASP A 46 6.85 -21.37 -28.75
C ASP A 46 6.28 -20.00 -29.06
N ASP A 47 4.97 -19.79 -28.89
CA ASP A 47 4.37 -18.49 -29.08
C ASP A 47 4.34 -17.65 -27.80
N VAL A 48 4.75 -18.22 -26.67
CA VAL A 48 4.58 -17.61 -25.37
C VAL A 48 5.93 -17.14 -24.84
N CYS A 49 5.94 -15.93 -24.27
CA CYS A 49 7.12 -15.35 -23.65
C CYS A 49 6.90 -15.23 -22.16
N VAL A 50 7.90 -15.60 -21.38
CA VAL A 50 7.84 -15.54 -19.91
C VAL A 50 8.98 -14.66 -19.42
N ASN A 51 8.63 -13.57 -18.73
CA ASN A 51 9.61 -12.64 -18.16
C ASN A 51 9.31 -12.47 -16.69
N GLN A 52 10.21 -12.98 -15.84
CA GLN A 52 10.06 -12.79 -14.40
C GLN A 52 10.24 -11.32 -14.06
N ILE A 53 9.29 -10.76 -13.32
CA ILE A 53 9.38 -9.40 -12.82
C ILE A 53 9.64 -9.47 -11.32
N LEU A 54 10.10 -8.34 -10.77
CA LEU A 54 10.57 -8.29 -9.39
C LEU A 54 9.54 -8.85 -8.42
N SER A 55 9.96 -9.81 -7.61
CA SER A 55 9.10 -10.52 -6.69
C SER A 55 9.59 -10.33 -5.26
N GLY A 56 8.76 -10.74 -4.31
CA GLY A 56 9.11 -10.75 -2.91
C GLY A 56 9.41 -12.15 -2.42
N LEU A 57 9.34 -12.31 -1.10
CA LEU A 57 9.49 -13.63 -0.50
C LEU A 57 8.17 -14.39 -0.42
N THR A 58 7.04 -13.68 -0.54
CA THR A 58 5.73 -14.29 -0.55
C THR A 58 5.22 -14.61 -1.94
N ASN A 59 5.92 -14.14 -2.99
CA ASN A 59 5.40 -14.23 -4.34
C ASN A 59 6.53 -14.49 -5.32
N GLN A 60 6.19 -15.11 -6.45
CA GLN A 60 6.99 -15.08 -7.65
C GLN A 60 6.08 -14.59 -8.78
N LEU A 61 6.46 -13.50 -9.42
CA LEU A 61 5.63 -12.85 -10.42
C LEU A 61 6.27 -12.96 -11.79
N PHE A 62 5.44 -13.18 -12.81
CA PHE A 62 5.91 -13.33 -14.17
C PHE A 62 4.98 -12.59 -15.12
N GLU A 63 5.57 -11.84 -16.04
CA GLU A 63 4.83 -11.30 -17.18
C GLU A 63 4.80 -12.36 -18.26
N VAL A 64 3.60 -12.80 -18.65
CA VAL A 64 3.43 -13.84 -19.65
C VAL A 64 2.66 -13.24 -20.82
N SER A 65 3.18 -13.41 -22.02
CA SER A 65 2.61 -12.75 -23.19
C SER A 65 2.65 -13.68 -24.39
N ILE A 66 1.77 -13.39 -25.34
CA ILE A 66 1.82 -13.99 -26.68
C ILE A 66 2.58 -13.02 -27.57
N LYS A 67 3.54 -13.55 -28.33
CA LYS A 67 4.32 -12.73 -29.25
C LYS A 67 3.39 -11.94 -30.17
N GLU A 68 3.67 -10.65 -30.32
CA GLU A 68 2.70 -9.73 -30.91
C GLU A 68 2.28 -10.15 -32.31
N ASP A 69 3.23 -10.54 -33.16
CA ASP A 69 2.89 -10.94 -34.51
C ASP A 69 2.05 -12.21 -34.51
N THR A 70 2.37 -13.17 -33.64
CA THR A 70 1.51 -14.32 -33.47
C THR A 70 0.14 -13.91 -32.94
N ALA A 71 0.10 -12.88 -32.09
CA ALA A 71 -1.16 -12.43 -31.52
C ALA A 71 -2.04 -11.77 -32.57
N ILE A 72 -1.48 -10.92 -33.43
CA ILE A 72 -2.28 -10.25 -34.43
C ILE A 72 -2.76 -11.24 -35.48
N GLU A 73 -1.94 -12.23 -35.83
CA GLU A 73 -2.36 -13.23 -36.82
C GLU A 73 -3.53 -14.05 -36.28
N TYR A 74 -3.41 -14.57 -35.05
CA TYR A 74 -4.51 -15.30 -34.44
C TYR A 74 -5.58 -14.36 -33.90
N ARG A 75 -5.26 -13.07 -33.82
CA ARG A 75 -6.18 -12.03 -33.34
C ARG A 75 -6.56 -12.28 -31.88
N ILE A 76 -5.54 -12.56 -31.07
CA ILE A 76 -5.71 -12.69 -29.63
C ILE A 76 -5.75 -11.29 -29.02
N THR A 77 -6.82 -10.98 -28.31
CA THR A 77 -7.02 -9.65 -27.78
C THR A 77 -6.46 -9.47 -26.37
N ARG A 78 -6.30 -10.55 -25.61
CA ARG A 78 -5.63 -10.49 -24.30
C ARG A 78 -4.22 -11.03 -24.52
N ARG A 79 -3.29 -10.11 -24.78
CA ARG A 79 -1.93 -10.49 -25.15
C ARG A 79 -1.03 -10.72 -23.94
N HIS A 80 -1.33 -10.11 -22.81
CA HIS A 80 -0.53 -10.24 -21.60
C HIS A 80 -1.40 -10.67 -20.43
N VAL A 81 -0.82 -11.48 -19.55
CA VAL A 81 -1.40 -11.78 -18.24
C VAL A 81 -0.30 -11.69 -17.20
N LEU A 82 -0.71 -11.53 -15.95
CA LEU A 82 0.20 -11.56 -14.82
C LEU A 82 0.08 -12.91 -14.13
N PHE A 83 1.22 -13.59 -13.97
CA PHE A 83 1.28 -14.95 -13.46
C PHE A 83 1.90 -14.90 -12.06
N ARG A 84 1.12 -15.26 -11.05
CA ARG A 84 1.55 -15.17 -9.65
C ARG A 84 1.65 -16.56 -9.05
N ILE A 85 2.83 -16.90 -8.55
CA ILE A 85 3.05 -18.15 -7.83
C ILE A 85 3.13 -17.83 -6.34
N TYR A 86 2.27 -18.48 -5.56
CA TYR A 86 2.19 -18.19 -4.13
C TYR A 86 3.44 -18.66 -3.40
N GLY A 87 3.88 -17.87 -2.43
CA GLY A 87 4.90 -18.31 -1.49
C GLY A 87 4.30 -19.11 -0.36
N LYS A 88 4.85 -18.96 0.83
CA LYS A 88 4.37 -19.64 2.01
C LYS A 88 3.73 -18.65 2.99
N ASP A 89 2.70 -19.12 3.68
CA ASP A 89 1.91 -18.24 4.54
C ASP A 89 2.72 -17.66 5.69
N VAL A 90 3.61 -18.47 6.26
CA VAL A 90 4.35 -18.03 7.44
C VAL A 90 5.31 -16.89 7.12
N ASP A 91 5.72 -16.73 5.86
CA ASP A 91 6.57 -15.62 5.48
C ASP A 91 5.78 -14.35 5.17
N ALA A 92 4.46 -14.41 5.16
CA ALA A 92 3.63 -13.26 4.85
C ALA A 92 3.48 -12.36 6.07
N LEU A 93 3.83 -11.09 5.90
CA LEU A 93 3.63 -10.11 6.96
C LEU A 93 2.24 -9.51 6.95
N TYR A 94 1.56 -9.54 5.81
CA TYR A 94 0.12 -9.29 5.76
C TYR A 94 -0.60 -10.53 6.28
N ASN A 95 -1.93 -10.54 6.17
CA ASN A 95 -2.71 -11.70 6.57
C ASN A 95 -2.92 -12.59 5.35
N PRO A 96 -2.19 -13.72 5.25
CA PRO A 96 -2.31 -14.55 4.05
C PRO A 96 -3.58 -15.37 3.97
N LEU A 97 -4.30 -15.54 5.08
CA LEU A 97 -5.49 -16.37 5.08
C LEU A 97 -6.69 -15.65 4.47
N SER A 98 -6.73 -14.32 4.54
CA SER A 98 -7.83 -13.54 4.00
C SER A 98 -7.45 -12.74 2.76
N GLU A 99 -6.20 -12.83 2.32
CA GLU A 99 -5.76 -12.00 1.19
C GLU A 99 -6.55 -12.30 -0.07
N PHE A 100 -6.77 -13.59 -0.36
CA PHE A 100 -7.44 -13.95 -1.60
C PHE A 100 -8.91 -13.55 -1.59
N GLU A 101 -9.60 -13.78 -0.47
CA GLU A 101 -11.00 -13.39 -0.37
C GLU A 101 -11.16 -11.88 -0.54
N VAL A 102 -10.24 -11.10 0.03
CA VAL A 102 -10.30 -9.65 -0.14
C VAL A 102 -10.05 -9.27 -1.58
N TYR A 103 -9.05 -9.89 -2.22
CA TYR A 103 -8.73 -9.55 -3.61
C TYR A 103 -9.90 -9.88 -4.54
N LYS A 104 -10.54 -11.05 -4.32
CA LYS A 104 -11.70 -11.39 -5.15
C LYS A 104 -12.78 -10.33 -5.05
N THR A 105 -13.02 -9.81 -3.86
CA THR A 105 -14.02 -8.75 -3.69
C THR A 105 -13.60 -7.48 -4.42
N MET A 106 -12.32 -7.09 -4.29
CA MET A 106 -11.83 -5.92 -5.01
C MET A 106 -11.89 -6.14 -6.52
N SER A 107 -11.62 -7.37 -6.98
CA SER A 107 -11.70 -7.64 -8.41
C SER A 107 -13.15 -7.58 -8.88
N LYS A 108 -14.09 -8.04 -8.04
CA LYS A 108 -15.49 -8.05 -8.43
C LYS A 108 -16.01 -6.64 -8.69
N TYR A 109 -15.67 -5.69 -7.83
CA TYR A 109 -16.11 -4.31 -7.98
C TYR A 109 -15.16 -3.49 -8.87
N ARG A 110 -14.30 -4.16 -9.64
CA ARG A 110 -13.41 -3.50 -10.60
C ARG A 110 -12.54 -2.45 -9.94
N ILE A 111 -12.05 -2.75 -8.75
CA ILE A 111 -11.14 -1.88 -8.03
C ILE A 111 -9.69 -2.34 -8.18
N ALA A 112 -9.48 -3.64 -8.17
CA ALA A 112 -8.18 -4.27 -8.37
C ALA A 112 -8.10 -4.84 -9.78
N PRO A 113 -6.91 -5.20 -10.25
CA PRO A 113 -6.82 -5.92 -11.53
C PRO A 113 -7.67 -7.17 -11.50
N LEU A 114 -8.29 -7.48 -12.64
CA LEU A 114 -9.27 -8.54 -12.72
C LEU A 114 -8.59 -9.90 -12.53
N LEU A 115 -9.12 -10.69 -11.60
CA LEU A 115 -8.71 -12.08 -11.48
C LEU A 115 -9.18 -12.85 -12.70
N LEU A 116 -8.28 -13.60 -13.32
CA LEU A 116 -8.60 -14.35 -14.53
C LEU A 116 -8.81 -15.83 -14.28
N ASN A 117 -7.92 -16.46 -13.52
CA ASN A 117 -8.03 -17.89 -13.23
C ASN A 117 -7.11 -18.23 -12.07
N THR A 118 -7.26 -19.44 -11.57
CA THR A 118 -6.42 -19.98 -10.51
C THR A 118 -5.85 -21.32 -10.96
N PHE A 119 -4.76 -21.71 -10.33
CA PHE A 119 -4.13 -23.00 -10.61
C PHE A 119 -3.50 -23.53 -9.33
N ASP A 120 -2.97 -24.74 -9.42
CA ASP A 120 -2.33 -25.40 -8.28
C ASP A 120 -1.10 -24.65 -7.82
N GLY A 121 -1.27 -23.71 -6.88
CA GLY A 121 -0.16 -22.98 -6.30
C GLY A 121 -0.06 -21.51 -6.67
N GLY A 122 -1.07 -20.96 -7.33
CA GLY A 122 -1.00 -19.56 -7.70
C GLY A 122 -2.26 -19.13 -8.44
N ARG A 123 -2.16 -17.97 -9.09
CA ARG A 123 -3.30 -17.42 -9.81
C ARG A 123 -2.81 -16.55 -10.95
N ILE A 124 -3.74 -16.20 -11.84
CA ILE A 124 -3.46 -15.43 -13.04
C ILE A 124 -4.36 -14.20 -13.03
N GLU A 125 -3.76 -13.03 -13.25
CA GLU A 125 -4.50 -11.77 -13.14
C GLU A 125 -4.35 -10.98 -14.43
N GLU A 126 -5.26 -10.01 -14.59
CA GLU A 126 -5.18 -9.08 -15.70
C GLU A 126 -3.85 -8.33 -15.70
N TRP A 127 -3.30 -8.11 -16.88
CA TRP A 127 -2.08 -7.32 -17.01
C TRP A 127 -2.44 -5.87 -17.28
N LEU A 128 -1.93 -4.96 -16.45
CA LEU A 128 -2.18 -3.53 -16.60
C LEU A 128 -1.09 -2.92 -17.47
N TYR A 129 -1.49 -2.33 -18.58
CA TYR A 129 -0.53 -1.68 -19.47
C TYR A 129 -0.24 -0.27 -18.96
N GLY A 130 1.04 0.05 -18.83
CA GLY A 130 1.47 1.34 -18.37
C GLY A 130 2.64 1.20 -17.43
N ASP A 131 2.86 2.25 -16.63
CA ASP A 131 3.97 2.29 -15.70
C ASP A 131 3.49 2.77 -14.34
N PRO A 132 4.13 2.33 -13.27
CA PRO A 132 3.81 2.87 -11.95
C PRO A 132 4.21 4.34 -11.88
N LEU A 133 3.54 5.07 -10.99
CA LEU A 133 3.93 6.45 -10.77
C LEU A 133 5.32 6.52 -10.15
N SER A 134 6.03 7.59 -10.45
CA SER A 134 7.36 7.82 -9.91
C SER A 134 7.30 8.83 -8.77
N ILE A 135 8.41 8.94 -8.05
CA ILE A 135 8.49 9.92 -6.96
C ILE A 135 8.35 11.32 -7.52
N ASP A 136 8.76 11.54 -8.77
CA ASP A 136 8.64 12.86 -9.39
C ASP A 136 7.22 13.15 -9.86
N ASP A 137 6.44 12.10 -10.17
CA ASP A 137 5.05 12.30 -10.55
C ASP A 137 4.24 12.92 -9.40
N LEU A 138 4.63 12.64 -8.16
CA LEU A 138 3.91 13.15 -7.01
C LEU A 138 4.13 14.64 -6.79
N LYS A 139 5.07 15.26 -7.53
CA LYS A 139 5.20 16.71 -7.54
C LYS A 139 4.27 17.38 -8.54
N ASN A 140 3.77 16.62 -9.52
CA ASN A 140 2.86 17.17 -10.51
C ASN A 140 1.49 17.38 -9.88
N LYS A 141 1.03 18.62 -9.87
CA LYS A 141 -0.24 18.93 -9.20
C LYS A 141 -1.42 18.26 -9.87
N SER A 142 -1.38 18.11 -11.19
CA SER A 142 -2.47 17.41 -11.88
C SER A 142 -2.50 15.92 -11.49
N ILE A 143 -1.33 15.30 -11.30
CA ILE A 143 -1.29 13.92 -10.85
C ILE A 143 -1.87 13.80 -9.45
N LEU A 144 -1.54 14.75 -8.57
CA LEU A 144 -2.08 14.75 -7.21
C LEU A 144 -3.60 14.84 -7.22
N VAL A 145 -4.16 15.67 -8.09
CA VAL A 145 -5.61 15.76 -8.20
C VAL A 145 -6.19 14.44 -8.66
N GLY A 146 -5.54 13.79 -9.63
CA GLY A 146 -6.03 12.49 -10.08
C GLY A 146 -5.98 11.44 -8.99
N ILE A 147 -4.92 11.44 -8.18
CA ILE A 147 -4.81 10.48 -7.09
C ILE A 147 -5.91 10.73 -6.07
N ALA A 148 -6.16 11.99 -5.73
CA ALA A 148 -7.19 12.30 -4.74
C ALA A 148 -8.58 11.88 -5.22
N ASN A 149 -8.84 12.03 -6.53
CA ASN A 149 -10.13 11.59 -7.07
C ASN A 149 -10.27 10.08 -7.00
N VAL A 150 -9.21 9.34 -7.35
CA VAL A 150 -9.27 7.88 -7.31
C VAL A 150 -9.50 7.41 -5.88
N LEU A 151 -8.73 7.94 -4.94
CA LEU A 151 -8.84 7.48 -3.56
C LEU A 151 -10.15 7.93 -2.91
N GLY A 152 -10.62 9.13 -3.26
CA GLY A 152 -11.91 9.57 -2.76
C GLY A 152 -13.05 8.67 -3.19
N LYS A 153 -13.09 8.34 -4.48
CA LYS A 153 -14.10 7.43 -4.98
C LYS A 153 -13.91 6.03 -4.39
N PHE A 154 -12.65 5.59 -4.26
CA PHE A 154 -12.36 4.26 -3.74
C PHE A 154 -12.84 4.11 -2.31
N HIS A 155 -12.69 5.15 -1.49
CA HIS A 155 -13.07 5.07 -0.08
C HIS A 155 -14.58 5.07 0.13
N THR A 156 -15.37 5.43 -0.88
CA THR A 156 -16.82 5.34 -0.77
C THR A 156 -17.36 3.93 -0.95
N LEU A 157 -16.50 2.94 -1.14
CA LEU A 157 -16.95 1.60 -1.48
C LEU A 157 -17.79 0.97 -0.37
N SER A 158 -17.31 1.07 0.87
CA SER A 158 -17.96 0.38 1.97
C SER A 158 -19.37 0.87 2.24
N ARG A 159 -19.70 2.10 1.84
CA ARG A 159 -21.03 2.63 2.05
C ARG A 159 -21.90 2.62 0.80
N LYS A 160 -21.30 2.53 -0.39
CA LYS A 160 -22.06 2.46 -1.63
C LYS A 160 -22.28 1.04 -2.14
N ARG A 161 -21.57 0.06 -1.57
CA ARG A 161 -21.80 -1.35 -1.88
C ARG A 161 -21.71 -2.14 -0.59
N HIS A 162 -22.22 -3.37 -0.61
CA HIS A 162 -22.32 -4.19 0.58
C HIS A 162 -21.15 -5.17 0.61
N LEU A 163 -20.08 -4.76 1.30
CA LEU A 163 -18.95 -5.64 1.52
C LEU A 163 -19.34 -6.77 2.46
N PRO A 164 -18.60 -7.90 2.42
CA PRO A 164 -18.96 -9.05 3.27
C PRO A 164 -19.10 -8.69 4.75
N GLU A 165 -20.26 -9.03 5.33
CA GLU A 165 -20.60 -8.58 6.67
C GLU A 165 -19.69 -9.17 7.74
N HIS A 166 -19.08 -10.32 7.48
CA HIS A 166 -18.23 -10.95 8.50
C HIS A 166 -16.83 -10.38 8.56
N TRP A 167 -16.51 -9.38 7.73
CA TRP A 167 -15.16 -8.81 7.74
C TRP A 167 -14.93 -8.01 9.02
N ASP A 168 -13.82 -8.28 9.68
CA ASP A 168 -13.44 -7.53 10.88
C ASP A 168 -13.26 -6.06 10.55
N LYS A 169 -13.98 -5.21 11.28
CA LYS A 169 -13.93 -3.77 11.06
C LYS A 169 -12.97 -3.05 11.99
N THR A 170 -12.18 -3.78 12.76
CA THR A 170 -11.12 -3.16 13.55
C THR A 170 -10.16 -2.43 12.63
N PRO A 171 -9.91 -1.14 12.83
CA PRO A 171 -8.93 -0.44 11.99
C PRO A 171 -7.58 -1.14 12.02
N CYS A 172 -7.04 -1.42 10.82
CA CYS A 172 -5.77 -2.13 10.71
C CYS A 172 -4.59 -1.37 11.30
N VAL A 173 -4.75 -0.09 11.62
CA VAL A 173 -3.69 0.61 12.34
C VAL A 173 -3.44 -0.09 13.67
N PHE A 174 -4.50 -0.60 14.31
CA PHE A 174 -4.33 -1.39 15.52
C PHE A 174 -3.72 -2.74 15.21
N LYS A 175 -4.27 -3.43 14.19
CA LYS A 175 -3.86 -4.81 13.91
C LYS A 175 -2.42 -4.86 13.40
N MET A 176 -2.07 -3.97 12.47
CA MET A 176 -0.69 -3.95 11.97
C MET A 176 0.28 -3.60 13.08
N MET A 177 -0.04 -2.60 13.89
CA MET A 177 0.84 -2.21 14.99
C MET A 177 0.99 -3.35 15.99
N ASP A 178 -0.12 -3.96 16.40
CA ASP A 178 -0.07 -5.03 17.39
C ASP A 178 0.69 -6.24 16.86
N ARG A 179 0.32 -6.68 15.64
CA ARG A 179 0.93 -7.89 15.08
C ARG A 179 2.43 -7.75 14.91
N TRP A 180 2.89 -6.61 14.39
CA TRP A 180 4.30 -6.45 14.07
C TRP A 180 5.14 -6.00 15.27
N ARG A 181 4.52 -5.32 16.25
CA ARG A 181 5.26 -5.04 17.48
C ARG A 181 5.56 -6.33 18.25
N LEU A 182 4.63 -7.29 18.20
CA LEU A 182 4.84 -8.57 18.87
C LEU A 182 6.01 -9.32 18.24
N ALA A 183 6.02 -9.41 16.91
CA ALA A 183 7.11 -10.11 16.23
C ALA A 183 8.45 -9.44 16.46
N VAL A 184 8.47 -8.12 16.59
CA VAL A 184 9.73 -7.41 16.82
C VAL A 184 10.24 -7.65 18.23
N SER A 185 9.34 -7.61 19.22
CA SER A 185 9.74 -7.86 20.60
C SER A 185 10.23 -9.27 20.83
N ASN A 186 9.82 -10.23 19.98
CA ASN A 186 10.30 -11.60 20.10
C ASN A 186 11.75 -11.75 19.67
N TYR A 187 12.37 -10.72 19.11
CA TYR A 187 13.77 -10.78 18.73
C TYR A 187 14.65 -10.43 19.91
N LYS A 188 15.76 -11.15 20.04
CA LYS A 188 16.74 -10.89 21.08
C LYS A 188 17.94 -10.10 20.59
N ASN A 189 18.16 -10.05 19.27
CA ASN A 189 19.26 -9.29 18.70
C ASN A 189 18.96 -7.80 18.77
N LEU A 190 18.34 -7.26 17.72
CA LEU A 190 17.94 -5.87 17.61
C LEU A 190 19.12 -4.92 17.78
N ASP A 191 20.34 -5.39 17.49
CA ASP A 191 21.49 -4.52 17.55
C ASP A 191 21.60 -3.70 16.27
N LYS A 192 22.03 -2.45 16.45
CA LYS A 192 21.79 -1.33 15.54
C LYS A 192 20.66 -1.55 14.55
N VAL A 193 19.44 -1.61 15.07
CA VAL A 193 18.32 -0.84 14.54
C VAL A 193 18.01 0.33 15.46
N THR A 194 18.18 0.12 16.76
CA THR A 194 18.09 1.10 17.81
C THR A 194 18.70 0.49 19.06
N LEU A 195 19.37 1.30 19.87
CA LEU A 195 19.96 0.78 21.09
C LEU A 195 18.89 0.45 22.13
N ASP A 196 17.73 1.09 22.05
CA ASP A 196 16.60 0.84 22.95
C ASP A 196 15.36 0.60 22.08
N ILE A 197 15.18 -0.64 21.64
CA ILE A 197 14.01 -0.98 20.84
C ILE A 197 12.74 -0.86 21.68
N ASN A 198 12.82 -1.13 22.98
CA ASN A 198 11.63 -1.06 23.82
C ASN A 198 11.22 0.37 24.12
N LYS A 199 12.06 1.35 23.82
CA LYS A 199 11.59 2.73 23.79
C LYS A 199 10.50 2.89 22.74
N TYR A 200 10.76 2.41 21.52
CA TYR A 200 9.78 2.49 20.45
C TYR A 200 8.68 1.47 20.62
N ILE A 201 8.94 0.36 21.31
CA ILE A 201 7.87 -0.56 21.66
C ILE A 201 6.92 0.11 22.66
N GLN A 202 7.46 0.88 23.59
CA GLN A 202 6.61 1.62 24.52
C GLN A 202 5.94 2.80 23.82
N GLU A 203 6.65 3.43 22.88
CA GLU A 203 6.02 4.48 22.08
C GLU A 203 4.83 3.91 21.29
N SER A 204 4.96 2.67 20.83
CA SER A 204 3.85 2.02 20.13
C SER A 204 2.61 1.94 21.00
N HIS A 205 2.78 1.59 22.28
CA HIS A 205 1.62 1.53 23.18
C HIS A 205 1.02 2.90 23.40
N LYS A 206 1.85 3.95 23.46
CA LYS A 206 1.33 5.30 23.66
C LYS A 206 0.48 5.74 22.48
N PHE A 207 0.91 5.43 21.26
CA PHE A 207 0.16 5.87 20.08
C PHE A 207 -1.21 5.20 20.03
N LEU A 208 -1.25 3.88 20.22
CA LEU A 208 -2.52 3.16 20.13
C LEU A 208 -3.50 3.63 21.20
N LYS A 209 -3.01 4.01 22.37
CA LYS A 209 -3.89 4.53 23.41
C LYS A 209 -4.33 5.95 23.11
N PHE A 210 -3.43 6.77 22.55
CA PHE A 210 -3.83 8.12 22.15
C PHE A 210 -4.82 8.08 20.99
N ILE A 211 -4.53 7.25 19.97
CA ILE A 211 -5.37 7.22 18.79
C ILE A 211 -6.76 6.69 19.11
N LYS A 212 -6.89 5.85 20.14
CA LYS A 212 -8.20 5.38 20.54
C LYS A 212 -9.07 6.53 21.05
N ILE A 213 -8.46 7.48 21.75
CA ILE A 213 -9.19 8.66 22.20
C ILE A 213 -9.35 9.66 21.07
N TYR A 214 -8.27 9.91 20.34
CA TYR A 214 -8.27 10.98 19.35
C TYR A 214 -9.29 10.73 18.24
N THR A 215 -9.46 9.48 17.83
CA THR A 215 -10.36 9.17 16.73
C THR A 215 -11.82 9.18 17.14
N GLN A 216 -12.13 9.41 18.41
CA GLN A 216 -13.51 9.61 18.83
C GLN A 216 -13.98 11.03 18.59
N ILE A 217 -13.05 11.98 18.38
CA ILE A 217 -13.43 13.33 18.03
C ILE A 217 -14.11 13.33 16.68
N GLU A 218 -15.23 14.04 16.57
CA GLU A 218 -15.98 14.08 15.32
C GLU A 218 -15.13 14.71 14.22
N ASN A 219 -14.69 13.88 13.27
CA ASN A 219 -13.84 14.35 12.17
C ASN A 219 -14.04 13.40 11.00
N ILE A 220 -14.34 13.96 9.83
CA ILE A 220 -14.49 13.15 8.63
C ILE A 220 -13.26 12.28 8.41
N ALA A 221 -12.08 12.81 8.73
CA ALA A 221 -10.84 12.06 8.58
C ALA A 221 -10.80 10.82 9.46
N ASN A 222 -11.63 10.75 10.50
CA ASN A 222 -11.68 9.60 11.39
C ASN A 222 -12.70 8.55 10.95
N ASP A 223 -13.36 8.75 9.81
CA ASP A 223 -14.27 7.74 9.28
C ASP A 223 -13.53 6.44 9.02
N ILE A 224 -14.20 5.33 9.31
CA ILE A 224 -13.62 4.00 9.11
C ILE A 224 -14.18 3.45 7.80
N VAL A 225 -13.31 3.33 6.80
CA VAL A 225 -13.67 2.82 5.49
C VAL A 225 -12.71 1.69 5.13
N PHE A 226 -12.96 1.04 4.01
CA PHE A 226 -12.06 -0.01 3.53
C PHE A 226 -10.87 0.67 2.85
N CYS A 227 -9.68 0.35 3.32
CA CYS A 227 -8.48 1.13 3.03
C CYS A 227 -7.49 0.24 2.28
N HIS A 228 -6.61 0.87 1.50
CA HIS A 228 -5.57 0.12 0.77
C HIS A 228 -4.43 -0.28 1.69
N ASN A 229 -3.98 0.66 2.53
CA ASN A 229 -3.01 0.48 3.61
C ASN A 229 -1.57 0.31 3.13
N ASP A 230 -1.31 0.41 1.83
CA ASP A 230 0.06 0.44 1.31
C ASP A 230 0.12 1.41 0.14
N LEU A 231 -0.38 2.62 0.37
CA LEU A 231 -0.47 3.65 -0.66
C LEU A 231 0.93 4.24 -0.89
N GLN A 232 1.59 3.79 -1.95
CA GLN A 232 2.83 4.39 -2.40
C GLN A 232 2.75 4.50 -3.92
N GLU A 233 3.67 5.28 -4.49
CA GLU A 233 3.58 5.58 -5.91
C GLU A 233 3.70 4.32 -6.77
N ASN A 234 4.49 3.34 -6.35
CA ASN A 234 4.65 2.16 -7.18
C ASN A 234 3.49 1.17 -7.04
N ASN A 235 2.50 1.48 -6.21
CA ASN A 235 1.23 0.76 -6.20
C ASN A 235 0.12 1.54 -6.88
N ILE A 236 0.46 2.59 -7.63
CA ILE A 236 -0.48 3.36 -8.43
C ILE A 236 -0.03 3.27 -9.87
N MET A 237 -0.83 2.63 -10.72
CA MET A 237 -0.49 2.46 -12.12
C MET A 237 -1.12 3.56 -12.97
N ASN A 238 -0.35 4.08 -13.91
CA ASN A 238 -0.79 5.12 -14.84
C ASN A 238 -0.96 4.44 -16.20
N THR A 239 -2.19 4.07 -16.54
CA THR A 239 -2.45 3.27 -17.74
C THR A 239 -2.81 4.14 -18.94
N ASN A 240 -4.04 4.64 -18.99
CA ASN A 240 -4.51 5.45 -20.11
C ASN A 240 -4.64 6.92 -19.72
N LYS A 241 -3.88 7.35 -18.71
CA LYS A 241 -4.06 8.54 -17.87
C LYS A 241 -5.10 8.25 -16.80
N CYS A 242 -5.69 7.06 -16.77
CA CYS A 242 -6.51 6.60 -15.66
C CYS A 242 -5.60 5.94 -14.63
N LEU A 243 -5.56 6.51 -13.43
CA LEU A 243 -4.78 5.95 -12.35
C LEU A 243 -5.53 4.78 -11.73
N ARG A 244 -4.80 3.70 -11.44
CA ARG A 244 -5.39 2.49 -10.89
C ARG A 244 -4.52 1.98 -9.76
N LEU A 245 -5.18 1.40 -8.76
CA LEU A 245 -4.48 0.82 -7.61
C LEU A 245 -4.19 -0.65 -7.85
N ILE A 246 -3.08 -1.11 -7.27
CA ILE A 246 -2.67 -2.51 -7.34
C ILE A 246 -2.15 -2.93 -5.96
N ASP A 247 -1.93 -4.24 -5.81
CA ASP A 247 -1.31 -4.80 -4.62
C ASP A 247 -2.11 -4.51 -3.35
N PHE A 248 -3.24 -5.19 -3.19
CA PHE A 248 -4.16 -4.98 -2.09
C PHE A 248 -3.90 -5.93 -0.91
N GLU A 249 -2.70 -6.49 -0.80
CA GLU A 249 -2.45 -7.53 0.20
C GLU A 249 -2.65 -7.01 1.62
N TYR A 250 -2.35 -5.74 1.88
CA TYR A 250 -2.51 -5.16 3.21
C TYR A 250 -3.85 -4.47 3.40
N SER A 251 -4.76 -4.55 2.43
CA SER A 251 -5.98 -3.76 2.48
C SER A 251 -6.92 -4.27 3.59
N GLY A 252 -7.75 -3.36 4.07
CA GLY A 252 -8.65 -3.65 5.15
C GLY A 252 -9.25 -2.38 5.70
N TYR A 253 -10.18 -2.55 6.64
CA TYR A 253 -10.81 -1.40 7.27
C TYR A 253 -9.81 -0.61 8.09
N ASN A 254 -9.91 0.71 8.02
CA ASN A 254 -8.99 1.61 8.70
C ASN A 254 -9.54 3.01 8.63
N PHE A 255 -9.02 3.89 9.48
CA PHE A 255 -9.30 5.30 9.36
C PHE A 255 -8.82 5.80 8.01
N LEU A 256 -9.68 6.52 7.29
CA LEU A 256 -9.32 6.95 5.95
C LEU A 256 -8.14 7.91 5.96
N SER A 257 -7.94 8.63 7.07
CA SER A 257 -6.78 9.50 7.18
C SER A 257 -5.47 8.71 7.21
N ALA A 258 -5.51 7.44 7.62
CA ALA A 258 -4.31 6.62 7.60
C ALA A 258 -3.86 6.33 6.17
N ASP A 259 -4.82 6.07 5.27
CA ASP A 259 -4.47 5.86 3.87
C ASP A 259 -3.85 7.11 3.25
N ILE A 260 -4.40 8.28 3.57
CA ILE A 260 -3.86 9.52 3.04
C ILE A 260 -2.51 9.84 3.66
N ALA A 261 -2.38 9.62 4.97
CA ALA A 261 -1.11 9.90 5.65
C ALA A 261 0.02 9.06 5.06
N ASN A 262 -0.26 7.79 4.74
CA ASN A 262 0.74 6.96 4.10
C ASN A 262 1.19 7.55 2.77
N PHE A 263 0.23 8.05 1.99
CA PHE A 263 0.59 8.64 0.70
C PHE A 263 1.40 9.92 0.87
N PHE A 264 1.04 10.76 1.84
CA PHE A 264 1.80 11.99 2.07
C PHE A 264 3.23 11.69 2.50
N ILE A 265 3.40 10.74 3.43
CA ILE A 265 4.74 10.32 3.83
C ILE A 265 5.56 9.89 2.63
N GLU A 266 4.92 9.15 1.71
CA GLU A 266 5.65 8.54 0.60
C GLU A 266 6.12 9.55 -0.44
N THR A 267 5.69 10.81 -0.34
CA THR A 267 6.28 11.82 -1.21
C THR A 267 7.73 12.13 -0.85
N THR A 268 8.21 11.65 0.30
CA THR A 268 9.59 11.89 0.72
C THR A 268 10.52 10.70 0.50
N ILE A 269 10.01 9.56 0.05
CA ILE A 269 10.79 8.33 -0.03
C ILE A 269 10.85 7.88 -1.48
N ASP A 270 12.06 7.74 -2.00
CA ASP A 270 12.32 7.34 -3.38
C ASP A 270 12.90 5.93 -3.37
N TYR A 271 12.14 4.97 -3.88
CA TYR A 271 12.59 3.58 -3.95
C TYR A 271 13.25 3.24 -5.28
N SER A 272 13.40 4.21 -6.19
CA SER A 272 13.97 3.93 -7.49
C SER A 272 15.50 3.96 -7.50
N TYR A 273 16.14 4.43 -6.43
CA TYR A 273 17.60 4.43 -6.39
C TYR A 273 18.13 3.01 -6.49
N ASN A 274 19.08 2.80 -7.40
CA ASN A 274 19.49 1.47 -7.83
C ASN A 274 20.85 1.07 -7.27
N ALA A 275 21.33 1.72 -6.22
CA ALA A 275 22.51 1.30 -5.47
C ALA A 275 22.15 1.32 -3.99
N TYR A 276 23.10 0.88 -3.16
CA TYR A 276 22.86 0.85 -1.71
C TYR A 276 22.47 2.25 -1.23
N PRO A 277 21.49 2.37 -0.32
CA PRO A 277 20.71 1.29 0.30
C PRO A 277 19.39 1.00 -0.42
N PHE A 278 19.31 1.42 -1.69
CA PHE A 278 18.16 1.19 -2.56
C PHE A 278 16.93 1.98 -2.13
N PHE A 279 17.13 3.07 -1.41
CA PHE A 279 16.09 4.05 -1.17
C PHE A 279 16.76 5.38 -0.85
N ILE A 280 16.05 6.48 -1.11
CA ILE A 280 16.52 7.81 -0.78
C ILE A 280 15.37 8.56 -0.12
N ILE A 281 15.67 9.25 0.98
CA ILE A 281 14.69 10.05 1.70
C ILE A 281 15.02 11.52 1.53
N ASN A 282 14.02 12.31 1.13
CA ASN A 282 14.14 13.76 0.96
C ASN A 282 12.96 14.39 1.69
N LYS A 283 13.14 14.68 2.98
CA LYS A 283 12.05 15.23 3.78
C LYS A 283 11.62 16.60 3.28
N LYS A 284 12.49 17.31 2.57
CA LYS A 284 12.15 18.61 1.99
C LYS A 284 11.10 18.47 0.89
N ASN A 285 11.01 17.28 0.27
CA ASN A 285 10.03 17.01 -0.79
C ASN A 285 8.66 16.68 -0.25
N TYR A 286 8.44 16.78 1.07
CA TYR A 286 7.13 16.47 1.63
C TYR A 286 6.08 17.34 0.98
N ILE A 287 4.95 16.71 0.64
CA ILE A 287 3.90 17.38 -0.11
C ILE A 287 3.60 18.73 0.53
N SER A 288 3.63 19.78 -0.29
CA SER A 288 3.49 21.15 0.21
C SER A 288 2.12 21.36 0.83
N TYR A 289 2.01 22.41 1.64
CA TYR A 289 0.74 22.71 2.31
C TYR A 289 -0.35 23.04 1.31
N GLU A 290 -0.04 23.92 0.34
CA GLU A 290 -1.02 24.21 -0.71
C GLU A 290 -1.34 22.96 -1.51
N SER A 291 -0.37 22.06 -1.67
CA SER A 291 -0.65 20.79 -2.32
C SER A 291 -1.54 19.92 -1.45
N ARG A 292 -1.32 19.97 -0.13
CA ARG A 292 -2.16 19.20 0.78
C ARG A 292 -3.58 19.75 0.84
N ILE A 293 -3.73 21.08 0.78
CA ILE A 293 -5.07 21.67 0.66
C ILE A 293 -5.73 21.19 -0.62
N LEU A 294 -5.03 21.32 -1.74
CA LEU A 294 -5.58 20.90 -3.03
C LEU A 294 -5.97 19.43 -3.02
N PHE A 295 -5.14 18.59 -2.38
CA PHE A 295 -5.45 17.17 -2.29
C PHE A 295 -6.71 16.93 -1.47
N VAL A 296 -6.81 17.56 -0.30
CA VAL A 296 -7.93 17.29 0.60
C VAL A 296 -9.23 17.80 0.02
N THR A 297 -9.22 19.00 -0.58
CA THR A 297 -10.42 19.52 -1.22
C THR A 297 -10.88 18.59 -2.35
N THR A 298 -9.94 18.20 -3.22
CA THR A 298 -10.27 17.27 -4.29
C THR A 298 -10.78 15.94 -3.75
N TYR A 299 -10.15 15.44 -2.69
CA TYR A 299 -10.58 14.18 -2.08
C TYR A 299 -12.01 14.27 -1.58
N LEU A 300 -12.30 15.30 -0.79
CA LEU A 300 -13.64 15.42 -0.20
C LEU A 300 -14.71 15.65 -1.26
N SER A 301 -14.34 16.27 -2.39
CA SER A 301 -15.31 16.49 -3.46
C SER A 301 -15.80 15.16 -4.04
N LYS A 302 -14.99 14.11 -3.95
CA LYS A 302 -15.39 12.78 -4.42
C LYS A 302 -15.90 11.90 -3.30
N TYR A 303 -15.38 12.07 -2.08
CA TYR A 303 -15.74 11.17 -0.99
C TYR A 303 -17.10 11.49 -0.38
N LEU A 304 -17.47 12.76 -0.34
CA LEU A 304 -18.81 13.18 0.08
C LEU A 304 -19.67 13.36 -1.16
N ASP A 305 -20.81 12.67 -1.22
CA ASP A 305 -21.59 12.68 -2.44
C ASP A 305 -22.66 13.76 -2.48
N ASP A 306 -23.80 13.53 -1.83
CA ASP A 306 -24.98 14.37 -2.06
C ASP A 306 -24.75 15.83 -1.71
N SER A 307 -23.80 16.13 -0.83
CA SER A 307 -23.46 17.53 -0.50
C SER A 307 -21.95 17.60 -0.36
N THR A 308 -21.27 17.96 -1.45
CA THR A 308 -19.83 18.16 -1.44
C THR A 308 -19.50 19.57 -0.97
N ALA A 309 -20.10 19.99 0.14
CA ALA A 309 -19.96 21.35 0.66
C ALA A 309 -18.72 21.52 1.54
N ALA A 310 -17.79 20.58 1.51
CA ALA A 310 -16.63 20.62 2.39
C ALA A 310 -15.48 21.39 1.72
N SER A 311 -15.74 22.67 1.48
CA SER A 311 -14.69 23.64 1.20
C SER A 311 -14.40 24.50 2.42
N ASP A 312 -15.03 24.19 3.56
CA ASP A 312 -14.73 24.86 4.82
C ASP A 312 -13.27 24.62 5.20
N GLN A 313 -12.53 25.72 5.41
CA GLN A 313 -11.11 25.58 5.71
C GLN A 313 -10.87 24.97 7.08
N ASP A 314 -11.77 25.19 8.03
CA ASP A 314 -11.60 24.58 9.35
C ASP A 314 -11.86 23.08 9.32
N ILE A 315 -12.71 22.61 8.41
CA ILE A 315 -12.84 21.17 8.18
C ILE A 315 -11.57 20.64 7.52
N ILE A 316 -11.02 21.40 6.58
CA ILE A 316 -9.79 20.98 5.90
C ILE A 316 -8.62 21.02 6.87
N ASP A 317 -8.48 22.11 7.63
CA ASP A 317 -7.38 22.21 8.58
C ASP A 317 -7.43 21.09 9.61
N GLN A 318 -8.64 20.65 9.99
CA GLN A 318 -8.76 19.52 10.90
C GLN A 318 -8.60 18.19 10.18
N PHE A 319 -8.96 18.11 8.90
CA PHE A 319 -8.61 16.94 8.12
C PHE A 319 -7.10 16.77 8.04
N LEU A 320 -6.39 17.87 7.79
CA LEU A 320 -4.93 17.80 7.68
C LEU A 320 -4.29 17.43 9.02
N GLU A 321 -4.88 17.86 10.14
CA GLU A 321 -4.29 17.55 11.43
C GLU A 321 -4.42 16.07 11.76
N ALA A 322 -5.58 15.46 11.46
CA ALA A 322 -5.75 14.04 11.70
C ALA A 322 -4.82 13.22 10.83
N ILE A 323 -4.53 13.69 9.61
CA ILE A 323 -3.58 13.00 8.75
C ILE A 323 -2.20 12.97 9.39
N GLU A 324 -1.75 14.11 9.92
CA GLU A 324 -0.45 14.16 10.57
C GLU A 324 -0.40 13.31 11.83
N VAL A 325 -1.54 13.14 12.51
CA VAL A 325 -1.57 12.28 13.70
C VAL A 325 -1.42 10.83 13.30
N GLN A 326 -2.15 10.39 12.28
CA GLN A 326 -2.00 9.02 11.79
C GLN A 326 -0.60 8.76 11.25
N ALA A 327 0.01 9.78 10.64
CA ALA A 327 1.37 9.62 10.12
C ALA A 327 2.33 9.21 11.23
N LEU A 328 2.12 9.72 12.44
CA LEU A 328 2.98 9.38 13.56
C LEU A 328 3.07 7.88 13.77
N GLY A 329 1.92 7.20 13.77
CA GLY A 329 1.92 5.76 14.01
C GLY A 329 2.41 4.96 12.83
N LEU A 330 2.22 5.46 11.61
CA LEU A 330 2.68 4.74 10.43
C LEU A 330 4.19 4.55 10.45
N HIS A 331 4.92 5.52 10.99
CA HIS A 331 6.38 5.39 11.07
C HIS A 331 6.78 4.22 11.97
N LEU A 332 6.05 4.03 13.07
CA LEU A 332 6.31 2.87 13.92
C LEU A 332 5.88 1.58 13.23
N ILE A 333 4.71 1.59 12.60
CA ILE A 333 4.18 0.41 11.93
C ILE A 333 5.16 -0.11 10.89
N TRP A 334 5.64 0.78 10.02
CA TRP A 334 6.51 0.36 8.93
C TRP A 334 7.95 0.17 9.37
N ALA A 335 8.36 0.79 10.49
CA ALA A 335 9.66 0.46 11.07
C ALA A 335 9.68 -0.98 11.57
N PHE A 336 8.64 -1.39 12.30
CA PHE A 336 8.54 -2.77 12.75
C PHE A 336 8.45 -3.74 11.58
N TRP A 337 7.65 -3.39 10.57
CA TRP A 337 7.60 -4.20 9.36
C TRP A 337 8.98 -4.37 8.75
N SER A 338 9.76 -3.29 8.70
CA SER A 338 11.08 -3.36 8.07
C SER A 338 12.06 -4.18 8.90
N ILE A 339 11.94 -4.11 10.24
CA ILE A 339 12.78 -4.95 11.09
C ILE A 339 12.52 -6.42 10.80
N ILE A 340 11.24 -6.80 10.67
CA ILE A 340 10.90 -8.19 10.40
C ILE A 340 11.40 -8.62 9.03
N ARG A 341 11.22 -7.76 8.02
CA ARG A 341 11.73 -8.08 6.69
C ARG A 341 13.25 -8.23 6.70
N GLY A 342 13.93 -7.42 7.51
CA GLY A 342 15.37 -7.54 7.61
C GLY A 342 15.83 -8.89 8.15
N TYR A 343 15.05 -9.48 9.05
CA TYR A 343 15.37 -10.80 9.59
C TYR A 343 14.89 -11.93 8.69
N GLN A 344 14.05 -11.64 7.70
CA GLN A 344 13.70 -12.64 6.70
C GLN A 344 14.73 -12.69 5.59
N THR A 345 15.09 -11.53 5.05
CA THR A 345 16.00 -11.45 3.91
C THR A 345 17.45 -11.57 4.38
N LYS A 346 18.38 -11.36 3.45
CA LYS A 346 19.80 -11.66 3.62
C LYS A 346 20.56 -11.40 2.32
N SER A 347 20.59 -10.14 1.89
CA SER A 347 21.38 -9.73 0.71
C SER A 347 20.88 -10.39 -0.57
N TYR A 348 19.59 -10.27 -0.82
CA TYR A 348 18.99 -10.71 -2.08
C TYR A 348 18.67 -9.55 -3.01
N ASN A 349 17.96 -8.54 -2.51
CA ASN A 349 17.88 -7.25 -3.20
C ASN A 349 18.88 -6.25 -2.66
N GLU A 350 19.42 -6.50 -1.46
CA GLU A 350 20.34 -5.64 -0.73
C GLU A 350 19.70 -4.34 -0.28
N PHE A 351 18.38 -4.18 -0.44
CA PHE A 351 17.64 -3.15 0.27
C PHE A 351 17.93 -3.26 1.77
N ASP A 352 18.43 -2.18 2.35
CA ASP A 352 18.82 -2.21 3.76
C ASP A 352 17.58 -1.95 4.60
N PHE A 353 16.91 -3.05 4.99
CA PHE A 353 15.70 -2.94 5.79
C PHE A 353 15.99 -2.40 7.18
N PHE A 354 17.20 -2.61 7.69
CA PHE A 354 17.53 -2.12 9.02
C PHE A 354 17.83 -0.62 9.01
N LEU A 355 18.52 -0.14 7.98
CA LEU A 355 18.67 1.30 7.81
C LEU A 355 17.31 1.96 7.54
N TYR A 356 16.47 1.32 6.74
CA TYR A 356 15.14 1.87 6.47
C TYR A 356 14.33 1.97 7.75
N ALA A 357 14.37 0.93 8.58
CA ALA A 357 13.66 0.99 9.86
C ALA A 357 14.18 2.12 10.74
N LYS A 358 15.50 2.30 10.79
CA LYS A 358 16.07 3.38 11.57
C LYS A 358 15.63 4.75 11.04
N GLU A 359 15.45 4.87 9.73
CA GLU A 359 14.99 6.14 9.16
C GLU A 359 13.52 6.37 9.47
N ARG A 360 12.70 5.32 9.50
CA ARG A 360 11.31 5.50 9.89
C ARG A 360 11.19 5.79 11.38
N LEU A 361 12.07 5.20 12.20
CA LEU A 361 12.07 5.53 13.62
C LEU A 361 12.48 6.97 13.84
N LYS A 362 13.44 7.47 13.06
CA LYS A 362 13.80 8.88 13.12
C LYS A 362 12.62 9.75 12.68
N MET A 363 11.88 9.31 11.66
CA MET A 363 10.69 10.05 11.25
C MET A 363 9.65 10.11 12.37
N TYR A 364 9.55 9.05 13.17
CA TYR A 364 8.65 9.08 14.32
C TYR A 364 9.04 10.18 15.30
N ASP A 365 10.32 10.21 15.68
CA ASP A 365 10.78 11.21 16.64
C ASP A 365 10.53 12.62 16.15
N GLU A 366 10.80 12.87 14.86
CA GLU A 366 10.62 14.22 14.32
C GLU A 366 9.13 14.57 14.20
N GLN A 367 8.30 13.60 13.86
CA GLN A 367 6.86 13.87 13.78
C GLN A 367 6.27 14.06 15.17
N LYS A 368 6.72 13.26 16.14
CA LYS A 368 6.25 13.43 17.52
C LYS A 368 6.63 14.79 18.08
N GLN A 369 7.87 15.23 17.82
CA GLN A 369 8.29 16.56 18.27
C GLN A 369 7.42 17.65 17.66
N TYR A 370 7.12 17.53 16.36
CA TYR A 370 6.31 18.54 15.70
C TYR A 370 4.91 18.58 16.28
N LEU A 371 4.29 17.40 16.48
CA LEU A 371 2.93 17.36 17.02
C LEU A 371 2.89 17.90 18.44
N MET A 372 3.89 17.54 19.26
CA MET A 372 3.98 18.12 20.60
C MET A 372 4.11 19.63 20.53
N SER A 373 4.97 20.12 19.63
CA SER A 373 5.23 21.55 19.55
C SER A 373 3.99 22.35 19.17
N LYS A 374 3.05 21.72 18.47
CA LYS A 374 1.77 22.34 18.15
C LYS A 374 0.66 21.94 19.10
N ASN A 375 1.00 21.22 20.17
CA ASN A 375 0.03 20.80 21.19
C ASN A 375 -1.05 19.90 20.61
N ILE A 376 -0.72 19.14 19.56
CA ILE A 376 -1.72 18.31 18.91
C ILE A 376 -1.91 17.00 19.65
N ILE A 377 -0.83 16.40 20.15
CA ILE A 377 -0.94 15.14 20.88
C ILE A 377 -0.91 15.41 22.37
N LYS A 378 -1.98 16.03 22.87
CA LYS A 378 -2.08 16.28 24.31
C LYS A 378 -2.21 14.97 25.07
N ASP A 379 -1.69 14.96 26.29
CA ASP A 379 -1.71 13.82 27.21
C ASP A 379 -1.03 12.59 26.62
N TYR A 380 -0.26 12.75 25.53
CA TYR A 380 0.44 11.62 24.92
C TYR A 380 1.44 10.98 25.88
N ASP A 381 1.85 11.69 26.93
CA ASP A 381 2.83 11.20 27.90
CA ASP A 381 2.83 11.20 27.90
C ASP A 381 4.11 10.79 27.20
N ASP A 382 4.84 11.81 26.74
CA ASP A 382 6.09 11.67 26.01
C ASP A 382 7.03 10.65 26.62
#